data_9IR1
#
_entry.id   9IR1
#
_cell.length_a   39.326
_cell.length_b   65.581
_cell.length_c   49.183
_cell.angle_alpha   90.00
_cell.angle_beta   94.15
_cell.angle_gamma   90.00
#
_symmetry.space_group_name_H-M   'P 1 21 1'
#
loop_
_entity.id
_entity.type
_entity.pdbx_description
1 polymer CTB10
2 non-polymer 'SULFATE ION'
3 non-polymer DI(HYDROXYETHYL)ETHER
4 water water
#
_entity_poly.entity_id   1
_entity_poly.type   'polypeptide(L)'
_entity_poly.pdbx_seq_one_letter_code
;MGSIGEPNRLLCWSIYVTKKPDQSEEDHHNHVSKVNAPM(PBF)IPFLKKYGIVRYTVKHNDAYSKPKQAALMAGQPEEN
VLAYDTVFEMIVKDIESIQTMQKDEEFLRTTIPDHFNFADMTRSKGSLTWIEEFTFALEHHHHHH
;
_entity_poly.pdbx_strand_id   A,B
#
loop_
_chem_comp.id
_chem_comp.type
_chem_comp.name
_chem_comp.formula
PEG non-polymer DI(HYDROXYETHYL)ETHER 'C4 H10 O3'
SO4 non-polymer 'SULFATE ION' 'O4 S -2'
#
# COMPACT_ATOMS: atom_id res chain seq x y z
N PRO A 7 15.86 16.23 -0.27
CA PRO A 7 14.97 15.80 0.82
C PRO A 7 15.32 14.40 1.35
N ASN A 8 15.12 14.20 2.65
CA ASN A 8 15.37 12.91 3.29
C ASN A 8 14.02 12.23 3.45
N ARG A 9 13.56 11.61 2.37
CA ARG A 9 12.26 10.95 2.31
C ARG A 9 12.47 9.48 2.03
N LEU A 10 11.90 8.63 2.87
CA LEU A 10 11.85 7.21 2.58
C LEU A 10 10.97 6.97 1.36
N LEU A 11 11.27 5.91 0.63
CA LEU A 11 10.52 5.52 -0.54
C LEU A 11 9.92 4.14 -0.34
N CYS A 12 8.80 3.88 -1.03
CA CYS A 12 8.13 2.60 -0.97
C CYS A 12 7.93 2.11 -2.39
N TRP A 13 8.51 0.94 -2.68
CA TRP A 13 8.36 0.25 -3.96
C TRP A 13 7.34 -0.85 -3.72
N SER A 14 6.18 -0.76 -4.38
CA SER A 14 5.07 -1.69 -4.16
C SER A 14 4.70 -2.40 -5.46
N ILE A 15 4.45 -3.71 -5.34
CA ILE A 15 3.94 -4.51 -6.45
C ILE A 15 2.54 -4.98 -6.10
N TYR A 16 1.56 -4.64 -6.95
CA TYR A 16 0.15 -5.00 -6.75
C TYR A 16 -0.14 -6.21 -7.62
N VAL A 17 -0.43 -7.35 -6.99
CA VAL A 17 -0.41 -8.64 -7.68
C VAL A 17 -1.82 -9.21 -7.77
N THR A 18 -2.22 -9.53 -8.99
CA THR A 18 -3.41 -10.35 -9.22
C THR A 18 -2.97 -11.81 -9.33
N LYS A 19 -3.73 -12.71 -8.71
CA LYS A 19 -3.29 -14.10 -8.67
C LYS A 19 -3.43 -14.76 -10.03
N LYS A 20 -2.69 -15.84 -10.21
CA LYS A 20 -2.63 -16.51 -11.50
C LYS A 20 -4.01 -17.07 -11.84
N PRO A 21 -4.39 -17.05 -13.12
CA PRO A 21 -5.76 -17.44 -13.49
C PRO A 21 -6.11 -18.83 -12.97
N ASP A 22 -7.32 -18.95 -12.41
CA ASP A 22 -7.82 -20.22 -11.90
C ASP A 22 -7.02 -20.78 -10.73
N GLN A 23 -6.03 -20.05 -10.24
CA GLN A 23 -5.37 -20.46 -9.01
C GLN A 23 -6.29 -20.16 -7.82
N SER A 24 -6.38 -21.11 -6.90
CA SER A 24 -7.21 -20.88 -5.74
C SER A 24 -6.57 -19.84 -4.82
N GLU A 25 -7.43 -19.12 -4.11
CA GLU A 25 -6.95 -18.18 -3.08
C GLU A 25 -5.92 -18.84 -2.17
N GLU A 26 -6.27 -20.01 -1.63
CA GLU A 26 -5.41 -20.70 -0.67
C GLU A 26 -4.04 -21.03 -1.26
N ASP A 27 -4.00 -21.54 -2.49
CA ASP A 27 -2.71 -21.89 -3.10
C ASP A 27 -1.89 -20.64 -3.40
N HIS A 28 -2.55 -19.57 -3.83
CA HIS A 28 -1.87 -18.31 -4.09
C HIS A 28 -1.16 -17.81 -2.83
N HIS A 29 -1.90 -17.72 -1.72
CA HIS A 29 -1.30 -17.11 -0.54
C HIS A 29 -0.29 -18.04 0.13
N ASN A 30 -0.51 -19.35 0.08
CA ASN A 30 0.52 -20.28 0.52
C ASN A 30 1.80 -20.13 -0.30
N HIS A 31 1.68 -19.99 -1.62
CA HIS A 31 2.89 -19.84 -2.41
C HIS A 31 3.60 -18.53 -2.08
N VAL A 32 2.83 -17.46 -1.92
CA VAL A 32 3.44 -16.16 -1.64
C VAL A 32 4.17 -16.19 -0.31
N SER A 33 3.53 -16.75 0.71
CA SER A 33 4.09 -16.70 2.06
C SER A 33 5.18 -17.74 2.26
N LYS A 34 5.03 -18.92 1.65
CA LYS A 34 5.95 -20.00 1.91
C LYS A 34 7.04 -20.16 0.85
N VAL A 35 6.87 -19.56 -0.34
CA VAL A 35 7.89 -19.69 -1.37
C VAL A 35 8.46 -18.35 -1.79
N ASN A 36 7.60 -17.45 -2.27
CA ASN A 36 8.10 -16.24 -2.92
C ASN A 36 8.74 -15.29 -1.93
N ALA A 37 7.97 -14.85 -0.94
CA ALA A 37 8.53 -13.92 0.05
C ALA A 37 9.82 -14.46 0.65
N PRO A 38 9.90 -15.72 1.07
CA PRO A 38 11.18 -16.24 1.56
C PRO A 38 12.31 -16.17 0.54
N MET A 39 11.99 -16.33 -0.75
CA MET A 39 13.00 -16.30 -1.79
C MET A 39 13.60 -14.89 -1.91
N PBF A 40 12.80 -13.87 -1.66
C PBF A 40 14.13 -12.02 -0.61
O PBF A 40 15.04 -11.22 -0.83
CA PBF A 40 13.26 -12.46 -1.79
CB PBF A 40 12.04 -11.55 -1.77
CG PBF A 40 11.50 -11.02 -3.07
CD1 PBF A 40 11.80 -9.73 -3.50
CD2 PBF A 40 10.63 -11.78 -3.83
CE1 PBF A 40 11.27 -9.22 -4.67
CE2 PBF A 40 10.11 -11.29 -5.02
CZ PBF A 40 10.41 -10.00 -5.45
CN1 PBF A 40 9.85 -9.46 -6.71
ON2 PBF A 40 10.53 -8.70 -7.39
CT PBF A 40 8.48 -9.80 -7.15
CI1 PBF A 40 8.12 -9.69 -8.49
CI2 PBF A 40 7.51 -10.22 -6.24
CK1 PBF A 40 6.84 -9.99 -8.91
CK2 PBF A 40 6.23 -10.53 -6.67
CL PBF A 40 5.90 -10.42 -7.99
N ILE A 41 13.87 -12.55 0.59
CA ILE A 41 14.51 -12.01 1.80
C ILE A 41 16.03 -11.85 1.71
N PRO A 42 16.73 -12.91 1.30
CA PRO A 42 18.20 -12.77 1.13
C PRO A 42 18.59 -11.63 0.22
N PHE A 43 17.88 -11.45 -0.88
CA PHE A 43 18.21 -10.34 -1.82
C PHE A 43 17.88 -8.99 -1.16
N LEU A 44 16.76 -8.93 -0.45
CA LEU A 44 16.35 -7.67 0.18
C LEU A 44 17.36 -7.24 1.23
N LYS A 45 17.79 -8.18 2.07
CA LYS A 45 18.85 -7.89 3.04
C LYS A 45 20.10 -7.38 2.33
N LYS A 46 20.55 -8.11 1.30
CA LYS A 46 21.82 -7.80 0.65
C LYS A 46 21.85 -6.39 0.08
N TYR A 47 20.71 -5.88 -0.38
CA TYR A 47 20.69 -4.60 -1.07
C TYR A 47 20.12 -3.47 -0.20
N GLY A 48 19.99 -3.69 1.10
CA GLY A 48 19.70 -2.60 2.02
C GLY A 48 18.25 -2.19 2.13
N ILE A 49 17.31 -3.07 1.83
CA ILE A 49 15.90 -2.74 2.01
C ILE A 49 15.60 -2.57 3.49
N VAL A 50 14.84 -1.53 3.83
CA VAL A 50 14.56 -1.18 5.23
C VAL A 50 13.51 -2.13 5.82
N ARG A 51 12.43 -2.37 5.09
CA ARG A 51 11.28 -3.11 5.59
C ARG A 51 10.61 -3.78 4.42
N TYR A 52 10.10 -5.00 4.63
CA TYR A 52 9.42 -5.76 3.59
C TYR A 52 8.10 -6.22 4.18
N THR A 53 6.98 -5.84 3.52
CA THR A 53 5.64 -6.19 3.98
C THR A 53 4.89 -6.89 2.85
N VAL A 54 4.20 -7.99 3.17
CA VAL A 54 3.28 -8.61 2.21
C VAL A 54 1.86 -8.45 2.74
N LYS A 55 0.98 -7.88 1.91
CA LYS A 55 -0.40 -7.66 2.29
C LYS A 55 -1.27 -8.70 1.57
N HIS A 56 -2.14 -9.36 2.34
CA HIS A 56 -2.96 -10.44 1.82
C HIS A 56 -4.43 -10.04 1.86
N ASN A 57 -5.13 -10.24 0.75
CA ASN A 57 -6.58 -10.02 0.61
C ASN A 57 -7.20 -11.38 0.35
N ASP A 58 -7.58 -12.07 1.44
CA ASP A 58 -7.94 -13.49 1.35
C ASP A 58 -9.07 -13.81 2.31
N ALA A 59 -9.33 -15.12 2.51
CA ALA A 59 -10.47 -15.55 3.30
C ALA A 59 -10.39 -15.05 4.74
N TYR A 60 -9.19 -14.80 5.25
CA TYR A 60 -9.05 -14.30 6.61
C TYR A 60 -9.43 -12.82 6.71
N SER A 61 -9.00 -12.01 5.75
CA SER A 61 -9.29 -10.57 5.80
C SER A 61 -10.64 -10.20 5.21
N LYS A 62 -11.18 -10.99 4.28
CA LYS A 62 -12.36 -10.56 3.55
C LYS A 62 -13.59 -10.29 4.43
N PRO A 63 -13.86 -11.08 5.48
CA PRO A 63 -14.99 -10.73 6.35
C PRO A 63 -14.78 -9.46 7.12
N LYS A 64 -13.53 -9.16 7.50
CA LYS A 64 -13.23 -7.88 8.15
C LYS A 64 -13.40 -6.74 7.16
N GLN A 65 -12.95 -6.93 5.92
CA GLN A 65 -13.18 -5.94 4.88
C GLN A 65 -14.66 -5.68 4.69
N ALA A 66 -15.47 -6.74 4.60
CA ALA A 66 -16.89 -6.57 4.37
C ALA A 66 -17.54 -5.77 5.48
N ALA A 67 -17.11 -5.98 6.73
CA ALA A 67 -17.64 -5.20 7.84
C ALA A 67 -17.28 -3.72 7.71
N LEU A 68 -16.01 -3.44 7.42
CA LEU A 68 -15.59 -2.04 7.29
C LEU A 68 -16.20 -1.38 6.05
N MET A 69 -16.42 -2.14 4.98
CA MET A 69 -17.03 -1.55 3.80
C MET A 69 -18.51 -1.33 4.01
N ALA A 70 -19.12 -2.01 4.98
CA ALA A 70 -20.52 -1.91 5.35
C ALA A 70 -21.45 -1.63 4.18
N GLY A 71 -21.64 -2.62 3.30
CA GLY A 71 -22.64 -2.55 2.27
C GLY A 71 -22.27 -1.80 1.00
N GLN A 72 -21.20 -1.01 1.04
CA GLN A 72 -20.74 -0.31 -0.17
C GLN A 72 -20.61 -1.29 -1.36
N PRO A 73 -20.66 -0.79 -2.62
CA PRO A 73 -20.53 -1.65 -3.79
C PRO A 73 -19.13 -2.26 -3.87
N GLU A 74 -19.06 -3.42 -4.52
CA GLU A 74 -17.79 -4.13 -4.65
C GLU A 74 -16.78 -3.35 -5.48
N GLU A 75 -17.25 -2.57 -6.46
CA GLU A 75 -16.31 -1.79 -7.27
C GLU A 75 -15.47 -0.84 -6.45
N ASN A 76 -15.93 -0.48 -5.24
CA ASN A 76 -15.20 0.40 -4.35
C ASN A 76 -14.04 -0.29 -3.61
N VAL A 77 -13.82 -1.58 -3.87
CA VAL A 77 -12.81 -2.36 -3.14
C VAL A 77 -11.66 -2.66 -4.08
N LEU A 78 -10.44 -2.39 -3.63
CA LEU A 78 -9.25 -2.73 -4.41
C LEU A 78 -9.08 -4.24 -4.48
N ALA A 79 -8.96 -4.77 -5.69
CA ALA A 79 -9.15 -6.19 -5.91
C ALA A 79 -7.88 -7.04 -5.84
N TYR A 80 -6.69 -6.44 -5.71
CA TYR A 80 -5.47 -7.22 -5.79
C TYR A 80 -5.41 -8.28 -4.69
N ASP A 81 -4.83 -9.43 -5.04
CA ASP A 81 -4.76 -10.54 -4.10
C ASP A 81 -3.63 -10.34 -3.08
N THR A 82 -2.46 -9.88 -3.53
CA THR A 82 -1.37 -9.63 -2.60
C THR A 82 -0.72 -8.32 -2.99
N VAL A 83 -0.19 -7.61 -2.01
CA VAL A 83 0.65 -6.45 -2.29
C VAL A 83 1.99 -6.66 -1.60
N PHE A 84 3.07 -6.49 -2.36
CA PHE A 84 4.42 -6.55 -1.83
C PHE A 84 4.97 -5.14 -1.66
N GLU A 85 5.49 -4.82 -0.48
CA GLU A 85 5.98 -3.46 -0.24
C GLU A 85 7.39 -3.49 0.34
N MET A 86 8.29 -2.78 -0.34
CA MET A 86 9.69 -2.67 0.06
C MET A 86 9.96 -1.19 0.34
N ILE A 87 10.32 -0.88 1.57
CA ILE A 87 10.73 0.48 1.94
C ILE A 87 12.24 0.59 1.74
N VAL A 88 12.69 1.66 1.11
CA VAL A 88 14.10 1.87 0.80
C VAL A 88 14.43 3.35 0.98
N LYS A 89 15.72 3.63 1.17
CA LYS A 89 16.16 5.02 1.29
C LYS A 89 16.46 5.66 -0.05
N ASP A 90 16.74 4.86 -1.08
CA ASP A 90 17.04 5.37 -2.41
C ASP A 90 16.70 4.29 -3.42
N ILE A 91 16.41 4.70 -4.66
CA ILE A 91 16.03 3.69 -5.65
C ILE A 91 17.23 2.94 -6.17
N GLU A 92 18.45 3.39 -5.84
CA GLU A 92 19.66 2.65 -6.27
C GLU A 92 19.60 1.21 -5.73
N SER A 93 19.08 1.07 -4.52
CA SER A 93 18.99 -0.25 -3.94
C SER A 93 18.11 -1.17 -4.80
N ILE A 94 16.93 -0.68 -5.19
CA ILE A 94 16.06 -1.49 -6.04
C ILE A 94 16.71 -1.76 -7.39
N GLN A 95 17.29 -0.73 -8.00
CA GLN A 95 17.88 -0.87 -9.32
C GLN A 95 19.00 -1.89 -9.31
N THR A 96 19.87 -1.83 -8.31
CA THR A 96 21.00 -2.74 -8.24
C THR A 96 20.52 -4.18 -8.03
N MET A 97 19.51 -4.35 -7.16
CA MET A 97 18.97 -5.69 -7.00
C MET A 97 18.32 -6.17 -8.28
N GLN A 98 17.72 -5.25 -9.06
CA GLN A 98 17.10 -5.66 -10.31
C GLN A 98 18.12 -5.98 -11.39
N LYS A 99 19.40 -5.69 -11.17
CA LYS A 99 20.47 -6.07 -12.09
C LYS A 99 21.10 -7.41 -11.73
N ASP A 100 20.91 -7.86 -10.49
CA ASP A 100 21.52 -9.06 -9.95
C ASP A 100 21.02 -10.27 -10.73
N GLU A 101 21.91 -10.91 -11.48
CA GLU A 101 21.50 -12.00 -12.36
C GLU A 101 20.99 -13.20 -11.56
N GLU A 102 21.52 -13.40 -10.35
CA GLU A 102 21.00 -14.48 -9.51
C GLU A 102 19.57 -14.16 -9.05
N PHE A 103 19.33 -12.91 -8.63
CA PHE A 103 17.97 -12.46 -8.36
C PHE A 103 17.06 -12.73 -9.55
N LEU A 104 17.51 -12.36 -10.75
CA LEU A 104 16.66 -12.47 -11.94
C LEU A 104 16.37 -13.93 -12.30
N ARG A 105 17.41 -14.76 -12.32
CA ARG A 105 17.18 -16.15 -12.72
C ARG A 105 16.42 -16.94 -11.66
N THR A 106 16.46 -16.50 -10.40
CA THR A 106 15.80 -17.21 -9.31
C THR A 106 14.31 -16.86 -9.22
N THR A 107 13.99 -15.58 -9.29
CA THR A 107 12.64 -15.10 -9.02
C THR A 107 11.73 -15.05 -10.24
N ILE A 108 12.27 -14.82 -11.44
CA ILE A 108 11.40 -14.71 -12.62
C ILE A 108 10.60 -15.97 -12.87
N PRO A 109 11.19 -17.17 -12.91
CA PRO A 109 10.37 -18.38 -13.08
C PRO A 109 9.30 -18.53 -12.02
N ASP A 110 9.44 -17.84 -10.88
CA ASP A 110 8.45 -18.04 -9.84
C ASP A 110 7.17 -17.26 -10.09
N HIS A 111 7.22 -16.18 -10.87
CA HIS A 111 6.01 -15.40 -11.12
C HIS A 111 4.92 -16.26 -11.71
N PHE A 112 5.28 -17.20 -12.60
CA PHE A 112 4.30 -18.05 -13.23
C PHE A 112 3.56 -18.93 -12.23
N ASN A 113 4.09 -19.11 -11.02
CA ASN A 113 3.46 -19.96 -10.02
C ASN A 113 2.40 -19.25 -9.21
N PHE A 114 2.27 -17.92 -9.29
CA PHE A 114 1.32 -17.27 -8.41
C PHE A 114 0.75 -15.95 -8.94
N ALA A 115 1.31 -15.40 -10.01
CA ALA A 115 0.96 -14.03 -10.42
C ALA A 115 0.44 -14.00 -11.85
N ASP A 116 -0.65 -13.27 -12.07
CA ASP A 116 -1.05 -12.85 -13.41
C ASP A 116 -0.39 -11.50 -13.63
N MET A 117 0.81 -11.50 -14.20
CA MET A 117 1.55 -10.25 -14.29
C MET A 117 0.91 -9.26 -15.26
N THR A 118 0.10 -9.75 -16.21
CA THR A 118 -0.59 -8.80 -17.08
C THR A 118 -1.62 -7.97 -16.32
N ARG A 119 -2.12 -8.49 -15.20
CA ARG A 119 -3.08 -7.76 -14.37
C ARG A 119 -2.44 -7.22 -13.08
N SER A 120 -1.12 -7.06 -13.07
CA SER A 120 -0.41 -6.57 -11.90
C SER A 120 0.21 -5.21 -12.20
N LYS A 121 0.50 -4.44 -11.15
CA LYS A 121 1.00 -3.08 -11.33
C LYS A 121 2.11 -2.79 -10.34
N GLY A 122 2.92 -1.79 -10.68
CA GLY A 122 3.96 -1.33 -9.81
C GLY A 122 3.76 0.10 -9.33
N SER A 123 4.42 0.48 -8.25
CA SER A 123 4.28 1.82 -7.73
C SER A 123 5.52 2.20 -6.94
N LEU A 124 6.07 3.39 -7.20
CA LEU A 124 7.14 3.93 -6.37
C LEU A 124 6.67 5.28 -5.84
N THR A 125 6.50 5.36 -4.51
CA THR A 125 6.02 6.56 -3.83
C THR A 125 7.05 7.02 -2.80
N TRP A 126 6.92 8.27 -2.34
CA TRP A 126 7.61 8.69 -1.13
C TRP A 126 6.58 8.70 -0.01
N ILE A 127 7.04 8.42 1.21
CA ILE A 127 6.10 8.18 2.30
C ILE A 127 6.37 9.09 3.47
N GLU A 128 5.30 9.36 4.23
CA GLU A 128 5.36 9.93 5.57
C GLU A 128 4.80 8.87 6.49
N GLU A 129 5.50 8.58 7.57
CA GLU A 129 5.09 7.48 8.43
C GLU A 129 5.00 7.99 9.86
N PHE A 130 3.95 7.57 10.57
CA PHE A 130 3.81 7.85 11.99
C PHE A 130 3.58 6.54 12.73
N THR A 131 4.51 6.17 13.61
CA THR A 131 4.41 4.93 14.36
C THR A 131 4.05 5.28 15.80
N PHE A 132 2.95 4.72 16.28
CA PHE A 132 2.38 5.18 17.53
C PHE A 132 2.82 4.36 18.75
N ALA A 133 3.56 3.28 18.55
CA ALA A 133 4.10 2.56 19.70
C ALA A 133 5.04 3.46 20.49
N LEU A 134 4.87 3.48 21.81
CA LEU A 134 5.76 4.23 22.66
C LEU A 134 7.15 3.58 22.65
N ARG B 9 -2.56 -11.75 13.76
CA ARG B 9 -2.07 -11.09 12.55
C ARG B 9 -2.43 -9.61 12.57
N LEU B 10 -1.48 -8.75 12.21
CA LEU B 10 -1.75 -7.34 12.03
C LEU B 10 -2.59 -7.15 10.76
N LEU B 11 -3.38 -6.08 10.74
CA LEU B 11 -4.25 -5.73 9.63
C LEU B 11 -3.83 -4.38 9.04
N CYS B 12 -4.09 -4.19 7.75
CA CYS B 12 -3.83 -2.91 7.10
C CYS B 12 -5.11 -2.45 6.42
N TRP B 13 -5.62 -1.30 6.82
CA TRP B 13 -6.76 -0.67 6.18
C TRP B 13 -6.23 0.42 5.25
N SER B 14 -6.51 0.30 3.95
CA SER B 14 -5.90 1.19 2.97
C SER B 14 -6.98 1.85 2.14
N ILE B 15 -6.80 3.15 1.86
CA ILE B 15 -7.69 3.87 0.95
C ILE B 15 -6.84 4.46 -0.16
N TYR B 16 -7.18 4.12 -1.40
CA TYR B 16 -6.44 4.52 -2.59
C TYR B 16 -7.16 5.75 -3.14
N VAL B 17 -6.47 6.89 -3.18
CA VAL B 17 -7.12 8.18 -3.39
C VAL B 17 -6.69 8.76 -4.72
N THR B 18 -7.67 9.12 -5.54
CA THR B 18 -7.49 9.98 -6.69
C THR B 18 -7.81 11.42 -6.26
N LYS B 19 -6.95 12.37 -6.62
CA LYS B 19 -7.18 13.76 -6.19
C LYS B 19 -8.43 14.33 -6.87
N LYS B 20 -8.95 15.42 -6.30
CA LYS B 20 -10.07 16.12 -6.94
C LYS B 20 -9.68 16.53 -8.36
N PRO B 21 -10.60 16.47 -9.32
CA PRO B 21 -10.20 16.72 -10.73
C PRO B 21 -9.57 18.07 -10.98
N ASP B 22 -10.09 19.12 -10.35
CA ASP B 22 -9.61 20.48 -10.53
C ASP B 22 -8.60 20.88 -9.47
N GLN B 23 -8.15 19.94 -8.65
CA GLN B 23 -7.14 20.21 -7.64
C GLN B 23 -5.77 19.90 -8.21
N SER B 24 -4.82 20.82 -8.02
CA SER B 24 -3.48 20.56 -8.52
C SER B 24 -2.79 19.50 -7.67
N GLU B 25 -1.83 18.81 -8.28
CA GLU B 25 -0.99 17.88 -7.54
C GLU B 25 -0.44 18.51 -6.26
N GLU B 26 0.22 19.66 -6.41
CA GLU B 26 0.86 20.26 -5.24
C GLU B 26 -0.15 20.59 -4.14
N ASP B 27 -1.32 21.14 -4.50
CA ASP B 27 -2.32 21.46 -3.48
C ASP B 27 -2.88 20.21 -2.83
N HIS B 28 -3.06 19.13 -3.61
CA HIS B 28 -3.54 17.87 -3.03
C HIS B 28 -2.59 17.36 -1.96
N HIS B 29 -1.31 17.27 -2.28
CA HIS B 29 -0.37 16.69 -1.33
C HIS B 29 -0.14 17.65 -0.17
N ASN B 30 -0.18 18.95 -0.42
CA ASN B 30 -0.07 19.90 0.70
C ASN B 30 -1.24 19.77 1.65
N HIS B 31 -2.45 19.58 1.11
CA HIS B 31 -3.60 19.44 2.00
C HIS B 31 -3.48 18.18 2.85
N VAL B 32 -3.18 17.07 2.20
CA VAL B 32 -3.07 15.79 2.91
C VAL B 32 -2.04 15.91 4.03
N SER B 33 -0.86 16.46 3.73
CA SER B 33 0.22 16.47 4.72
C SER B 33 0.10 17.58 5.75
N LYS B 34 -0.36 18.77 5.35
CA LYS B 34 -0.28 19.94 6.21
C LYS B 34 -1.60 20.33 6.85
N VAL B 35 -2.74 19.89 6.30
CA VAL B 35 -4.06 20.20 6.86
C VAL B 35 -4.72 18.94 7.45
N ASN B 36 -4.88 17.90 6.63
CA ASN B 36 -5.53 16.69 7.12
C ASN B 36 -4.73 16.01 8.24
N ALA B 37 -3.43 15.83 8.03
CA ALA B 37 -2.66 15.02 8.97
C ALA B 37 -2.69 15.56 10.39
N PRO B 38 -2.50 16.86 10.64
CA PRO B 38 -2.55 17.34 12.02
C PRO B 38 -3.89 17.12 12.69
N MET B 39 -4.99 17.13 11.92
CA MET B 39 -6.31 16.86 12.48
C MET B 39 -6.51 15.39 12.77
N PBF B 40 -6.01 14.56 11.88
C PBF B 40 -5.41 12.35 12.96
O PBF B 40 -5.92 11.47 13.66
CA PBF B 40 -6.27 13.09 11.94
CB PBF B 40 -5.92 12.57 10.54
CG PBF B 40 -6.49 11.25 10.09
CD1 PBF B 40 -6.10 10.70 8.88
CD2 PBF B 40 -7.44 10.57 10.84
CE1 PBF B 40 -6.63 9.51 8.41
CE2 PBF B 40 -7.97 9.37 10.38
CZ PBF B 40 -7.55 8.82 9.17
CN1 PBF B 40 -8.16 7.54 8.73
ON2 PBF B 40 -9.29 7.27 9.08
CT PBF B 40 -7.43 6.59 7.84
CI1 PBF B 40 -6.04 6.47 7.88
CI2 PBF B 40 -8.14 5.79 6.96
CK1 PBF B 40 -5.41 5.56 7.07
CK2 PBF B 40 -7.49 4.89 6.14
CL PBF B 40 -6.12 4.78 6.20
N ILE B 41 -4.14 12.69 13.05
CA ILE B 41 -3.24 11.88 13.86
C ILE B 41 -3.65 11.77 15.34
N PRO B 42 -4.21 12.83 15.94
CA PRO B 42 -4.70 12.70 17.32
C PRO B 42 -5.69 11.55 17.50
N PHE B 43 -6.57 11.36 16.53
CA PHE B 43 -7.58 10.31 16.63
C PHE B 43 -6.93 8.95 16.44
N LEU B 44 -5.95 8.85 15.54
CA LEU B 44 -5.29 7.58 15.29
C LEU B 44 -4.61 7.07 16.56
N LYS B 45 -3.92 7.93 17.30
CA LYS B 45 -3.33 7.50 18.56
C LYS B 45 -4.40 7.15 19.56
N LYS B 46 -5.41 7.99 19.68
CA LYS B 46 -6.45 7.77 20.69
C LYS B 46 -7.08 6.39 20.55
N TYR B 47 -7.20 5.88 19.32
CA TYR B 47 -7.87 4.61 19.12
C TYR B 47 -6.91 3.48 18.82
N GLY B 48 -5.62 3.68 19.06
CA GLY B 48 -4.70 2.55 19.11
C GLY B 48 -4.23 2.05 17.76
N ILE B 49 -4.23 2.91 16.74
CA ILE B 49 -3.63 2.54 15.46
C ILE B 49 -2.14 2.29 15.67
N VAL B 50 -1.63 1.24 15.03
CA VAL B 50 -0.21 0.91 15.20
C VAL B 50 0.68 1.86 14.39
N ARG B 51 0.31 2.12 13.15
CA ARG B 51 1.15 2.92 12.27
C ARG B 51 0.26 3.56 11.22
N TYR B 52 0.54 4.83 10.91
CA TYR B 52 -0.16 5.57 9.85
C TYR B 52 0.86 5.96 8.79
N THR B 53 0.59 5.60 7.53
CA THR B 53 1.50 5.92 6.43
C THR B 53 0.70 6.60 5.33
N VAL B 54 1.23 7.72 4.83
CA VAL B 54 0.73 8.33 3.60
C VAL B 54 1.77 8.11 2.53
N LYS B 55 1.36 7.47 1.44
CA LYS B 55 2.20 7.27 0.27
C LYS B 55 1.83 8.32 -0.75
N HIS B 56 2.83 8.99 -1.31
CA HIS B 56 2.62 10.10 -2.22
C HIS B 56 3.18 9.73 -3.59
N ASN B 57 2.37 9.89 -4.63
CA ASN B 57 2.75 9.66 -6.02
C ASN B 57 2.72 11.03 -6.71
N ASP B 58 3.82 11.77 -6.62
CA ASP B 58 3.83 13.18 -7.05
C ASP B 58 5.10 13.47 -7.83
N ALA B 59 5.35 14.76 -8.09
CA ALA B 59 6.47 15.13 -8.95
C ALA B 59 7.81 14.73 -8.35
N TYR B 60 7.91 14.60 -7.04
CA TYR B 60 9.16 14.14 -6.43
C TYR B 60 9.42 12.68 -6.73
N SER B 61 8.40 11.83 -6.54
CA SER B 61 8.59 10.39 -6.70
C SER B 61 8.45 9.92 -8.14
N LYS B 62 7.69 10.63 -8.97
CA LYS B 62 7.35 10.09 -10.28
C LYS B 62 8.56 9.85 -11.18
N PRO B 63 9.62 10.66 -11.15
CA PRO B 63 10.80 10.32 -11.97
C PRO B 63 11.51 9.07 -11.49
N LYS B 64 11.54 8.84 -10.17
CA LYS B 64 12.14 7.63 -9.64
C LYS B 64 11.31 6.41 -10.03
N GLN B 65 9.99 6.57 -9.99
CA GLN B 65 9.07 5.54 -10.45
C GLN B 65 9.29 5.24 -11.93
N ALA B 66 9.42 6.29 -12.74
CA ALA B 66 9.63 6.12 -14.16
C ALA B 66 10.95 5.40 -14.44
N ALA B 67 11.96 5.61 -13.60
CA ALA B 67 13.22 4.87 -13.78
C ALA B 67 13.03 3.39 -13.50
N LEU B 68 12.30 3.05 -12.43
CA LEU B 68 12.06 1.67 -12.07
C LEU B 68 11.20 0.95 -13.10
N MET B 69 10.21 1.64 -13.68
CA MET B 69 9.26 1.06 -14.63
C MET B 69 9.55 1.41 -16.10
N ALA B 70 10.77 1.83 -16.40
CA ALA B 70 11.11 2.16 -17.78
C ALA B 70 10.97 0.94 -18.67
N GLY B 71 10.52 1.16 -19.90
CA GLY B 71 10.39 0.06 -20.84
C GLY B 71 9.09 -0.71 -20.73
N GLN B 72 8.14 -0.20 -19.96
CA GLN B 72 6.80 -0.74 -19.79
C GLN B 72 5.78 0.35 -20.05
N PRO B 73 4.57 -0.02 -20.46
CA PRO B 73 3.51 0.99 -20.59
C PRO B 73 3.27 1.71 -19.28
N GLU B 74 2.93 3.00 -19.39
CA GLU B 74 2.58 3.76 -18.20
C GLU B 74 1.41 3.14 -17.46
N GLU B 75 0.55 2.39 -18.18
CA GLU B 75 -0.60 1.80 -17.52
C GLU B 75 -0.20 0.75 -16.49
N ASN B 76 1.04 0.28 -16.48
CA ASN B 76 1.50 -0.68 -15.50
C ASN B 76 1.82 -0.04 -14.16
N VAL B 77 1.66 1.27 -14.06
CA VAL B 77 1.97 2.04 -12.86
C VAL B 77 0.66 2.33 -12.12
N LEU B 78 0.64 2.03 -10.81
CA LEU B 78 -0.51 2.42 -10.02
C LEU B 78 -0.70 3.94 -10.10
N ALA B 79 -1.93 4.38 -10.36
CA ALA B 79 -2.19 5.77 -10.75
C ALA B 79 -2.67 6.65 -9.59
N TYR B 80 -3.07 6.08 -8.46
CA TYR B 80 -3.59 6.89 -7.38
C TYR B 80 -2.58 7.95 -6.92
N ASP B 81 -3.11 9.13 -6.57
CA ASP B 81 -2.23 10.21 -6.13
C ASP B 81 -1.71 9.97 -4.72
N THR B 82 -2.54 9.43 -3.84
CA THR B 82 -2.13 9.17 -2.46
C THR B 82 -2.71 7.82 -2.05
N VAL B 83 -2.01 7.13 -1.17
CA VAL B 83 -2.54 5.94 -0.50
C VAL B 83 -2.44 6.18 1.00
N PHE B 84 -3.56 6.05 1.70
CA PHE B 84 -3.61 6.17 3.15
C PHE B 84 -3.63 4.77 3.74
N GLU B 85 -2.74 4.50 4.70
CA GLU B 85 -2.64 3.15 5.26
C GLU B 85 -2.53 3.22 6.76
N MET B 86 -3.37 2.47 7.46
CA MET B 86 -3.24 2.35 8.91
C MET B 86 -3.11 0.88 9.25
N ILE B 87 -2.05 0.53 9.97
CA ILE B 87 -1.89 -0.79 10.55
C ILE B 87 -2.64 -0.82 11.87
N VAL B 88 -3.43 -1.86 12.10
CA VAL B 88 -4.20 -1.99 13.34
C VAL B 88 -4.09 -3.43 13.81
N LYS B 89 -4.35 -3.63 15.11
CA LYS B 89 -4.42 -4.98 15.65
C LYS B 89 -5.77 -5.63 15.40
N ASP B 90 -6.79 -4.84 15.10
CA ASP B 90 -8.16 -5.33 15.01
C ASP B 90 -9.02 -4.24 14.38
N ILE B 91 -10.12 -4.65 13.75
CA ILE B 91 -10.94 -3.62 13.12
C ILE B 91 -11.79 -2.89 14.14
N GLU B 92 -11.93 -3.42 15.36
CA GLU B 92 -12.70 -2.68 16.35
C GLU B 92 -12.07 -1.31 16.62
N SER B 93 -10.74 -1.22 16.57
CA SER B 93 -10.08 0.07 16.69
C SER B 93 -10.62 1.06 15.67
N ILE B 94 -10.76 0.63 14.41
CA ILE B 94 -11.25 1.51 13.37
C ILE B 94 -12.71 1.88 13.62
N GLN B 95 -13.54 0.89 13.94
CA GLN B 95 -14.96 1.15 14.12
C GLN B 95 -15.21 2.11 15.27
N THR B 96 -14.45 1.98 16.35
CA THR B 96 -14.66 2.89 17.48
C THR B 96 -14.25 4.31 17.13
N MET B 97 -13.15 4.46 16.40
CA MET B 97 -12.74 5.81 16.00
C MET B 97 -13.79 6.43 15.08
N GLN B 98 -14.42 5.63 14.22
CA GLN B 98 -15.43 6.15 13.28
C GLN B 98 -16.67 6.68 13.98
N LYS B 99 -16.88 6.35 15.25
CA LYS B 99 -17.99 6.87 16.04
C LYS B 99 -17.60 8.04 16.92
N ASP B 100 -16.33 8.46 16.88
CA ASP B 100 -15.90 9.60 17.68
C ASP B 100 -16.56 10.85 17.14
N GLU B 101 -17.30 11.56 18.01
CA GLU B 101 -18.11 12.67 17.54
C GLU B 101 -17.25 13.77 16.95
N GLU B 102 -16.10 14.05 17.57
CA GLU B 102 -15.22 15.08 17.03
C GLU B 102 -14.62 14.64 15.70
N PHE B 103 -14.20 13.37 15.60
CA PHE B 103 -13.67 12.85 14.35
C PHE B 103 -14.68 13.01 13.23
N LEU B 104 -15.94 12.68 13.50
CA LEU B 104 -17.02 12.78 12.52
C LEU B 104 -17.26 14.22 12.09
N ARG B 105 -17.06 15.17 12.99
CA ARG B 105 -17.38 16.56 12.69
C ARG B 105 -16.27 17.26 11.96
N THR B 106 -15.03 17.07 12.41
CA THR B 106 -13.90 17.85 11.92
C THR B 106 -13.12 17.19 10.82
N THR B 107 -13.04 15.86 10.83
CA THR B 107 -12.02 15.18 10.04
C THR B 107 -12.57 14.28 8.95
N ILE B 108 -13.61 13.49 9.21
CA ILE B 108 -14.19 12.69 8.13
C ILE B 108 -14.58 13.57 6.95
N PRO B 109 -15.25 14.71 7.12
CA PRO B 109 -15.63 15.52 5.96
C PRO B 109 -14.46 16.11 5.20
N ASP B 110 -13.26 16.16 5.80
CA ASP B 110 -12.10 16.73 5.11
C ASP B 110 -11.79 16.02 3.81
N HIS B 111 -12.20 14.78 3.65
CA HIS B 111 -11.85 14.09 2.41
C HIS B 111 -12.48 14.76 1.19
N PHE B 112 -13.59 15.49 1.35
CA PHE B 112 -14.12 16.26 0.23
C PHE B 112 -13.14 17.34 -0.24
N ASN B 113 -12.15 17.68 0.57
CA ASN B 113 -11.17 18.69 0.19
C ASN B 113 -9.98 18.12 -0.57
N PHE B 114 -9.91 16.80 -0.76
CA PHE B 114 -8.73 16.30 -1.45
C PHE B 114 -8.95 15.01 -2.23
N ALA B 115 -10.11 14.36 -2.10
CA ALA B 115 -10.34 13.08 -2.76
C ALA B 115 -11.53 13.14 -3.73
N ASP B 116 -11.33 12.60 -4.92
CA ASP B 116 -12.43 12.28 -5.81
C ASP B 116 -12.97 10.93 -5.37
N MET B 117 -14.07 10.92 -4.62
CA MET B 117 -14.54 9.65 -4.07
C MET B 117 -15.06 8.71 -5.16
N THR B 118 -15.44 9.23 -6.32
CA THR B 118 -15.86 8.34 -7.40
C THR B 118 -14.70 7.55 -7.99
N ARG B 119 -13.46 7.91 -7.70
CA ARG B 119 -12.31 7.21 -8.25
C ARG B 119 -11.35 6.79 -7.14
N SER B 120 -11.87 6.44 -5.98
CA SER B 120 -11.07 6.03 -4.83
C SER B 120 -11.55 4.68 -4.32
N LYS B 121 -10.66 3.89 -3.71
CA LYS B 121 -10.98 2.51 -3.37
C LYS B 121 -10.42 2.14 -2.00
N GLY B 122 -11.04 1.16 -1.35
CA GLY B 122 -10.57 0.73 -0.05
C GLY B 122 -10.07 -0.70 -0.06
N SER B 123 -9.37 -1.11 0.98
CA SER B 123 -8.83 -2.46 1.05
C SER B 123 -8.46 -2.78 2.50
N LEU B 124 -8.96 -3.89 3.03
CA LEU B 124 -8.52 -4.40 4.32
C LEU B 124 -7.75 -5.70 4.07
N THR B 125 -6.49 -5.71 4.43
CA THR B 125 -5.63 -6.88 4.28
C THR B 125 -5.06 -7.29 5.63
N TRP B 126 -4.54 -8.51 5.70
CA TRP B 126 -3.67 -8.89 6.80
C TRP B 126 -2.23 -8.90 6.30
N ILE B 127 -1.29 -8.60 7.19
CA ILE B 127 0.07 -8.35 6.74
C ILE B 127 1.05 -9.32 7.41
N GLU B 128 2.13 -9.54 6.67
CA GLU B 128 3.31 -10.30 7.15
C GLU B 128 4.45 -9.29 6.97
N GLU B 129 5.27 -9.00 7.98
CA GLU B 129 6.30 -7.94 7.84
C GLU B 129 7.69 -8.39 8.29
N PHE B 130 8.73 -7.95 7.59
CA PHE B 130 10.15 -8.24 7.98
C PHE B 130 10.91 -6.92 7.98
N THR B 131 11.59 -6.63 9.08
CA THR B 131 12.35 -5.36 9.21
C THR B 131 13.82 -5.70 9.38
N PHE B 132 14.66 -5.18 8.48
CA PHE B 132 16.10 -5.52 8.49
C PHE B 132 16.88 -4.45 9.26
S SO4 C . 1.42 -13.35 -17.21
O1 SO4 C . 1.93 -13.51 -15.89
O2 SO4 C . 2.35 -12.61 -18.00
O3 SO4 C . 1.20 -14.62 -17.80
O4 SO4 C . 0.19 -12.64 -17.15
C1 PEG D . -9.40 9.38 2.55
O1 PEG D . -10.70 8.82 2.41
C2 PEG D . -8.87 9.22 3.95
O2 PEG D . -9.63 10.00 4.86
C3 PEG D . -8.82 10.71 5.80
C4 PEG D . -9.69 11.34 6.85
O4 PEG D . -10.09 12.65 6.49
H11 PEG D . -8.80 8.93 1.94
H12 PEG D . -9.43 10.33 2.33
HO1 PEG D . -11.28 9.37 2.08
H21 PEG D . -8.93 8.29 4.22
H22 PEG D . -7.94 9.51 3.97
H31 PEG D . -8.22 10.08 6.22
H32 PEG D . -8.32 11.40 5.34
H41 PEG D . -9.19 11.38 7.68
H42 PEG D . -10.49 10.79 6.97
HO4 PEG D . -10.93 12.73 6.33
#